data_7NJC
#
_entry.id   7NJC
#
_cell.length_a   32.442
_cell.length_b   35.153
_cell.length_c   38.350
_cell.angle_alpha   114.679
_cell.angle_beta   100.702
_cell.angle_gamma   97.653
#
_symmetry.space_group_name_H-M   'P 1'
#
loop_
_entity.id
_entity.type
_entity.pdbx_description
1 polymer 'Zinc finger (CCCH type) motif-containing protein'
2 polymer "RNA (5'-R(*(6MZ)P*CP*A)-3')"
3 non-polymer 2-[2-(2-METHOXY-ETHOXY)-ETHOXY]-ETHOXYL
4 non-polymer N-methyladenosine
5 water water
#
loop_
_entity_poly.entity_id
_entity_poly.type
_entity_poly.pdbx_seq_one_letter_code
_entity_poly.pdbx_strand_id
1 'polypeptide(L)'
;GDPFGHVASPQSTKRFFIIKSNRMSNIYTSIQHGVWATSKGNSRKLSNAFTSTDHVLLLFSANESGGFQGFGRMMSLPDP
QLFPGIWGPVQLRLGSNFRVMWLKQCKIEFEELGKVTNPWNDDLPLRKSRDGTEVPPALGSLLCTWMSQRPSEDLLAGTG
IDPATR
;
A
2 'polyribonucleotide' GA(6MZ)CAUU B
#
# COMPACT_ATOMS: atom_id res chain seq x y z
N PRO A 10 -14.44 -14.06 -0.20
CA PRO A 10 -13.33 -15.03 -0.22
C PRO A 10 -12.44 -14.92 1.02
N GLN A 11 -12.02 -16.06 1.55
CA GLN A 11 -11.14 -16.12 2.72
C GLN A 11 -9.78 -16.68 2.29
N SER A 12 -8.71 -16.12 2.86
CA SER A 12 -7.36 -16.54 2.47
C SER A 12 -6.34 -16.12 3.52
N THR A 13 -5.09 -16.55 3.31
CA THR A 13 -4.00 -16.30 4.26
C THR A 13 -3.33 -14.94 4.04
N LYS A 14 -2.93 -14.63 2.81
CA LYS A 14 -2.30 -13.34 2.55
C LYS A 14 -2.83 -12.77 1.24
N ARG A 15 -3.13 -11.46 1.26
CA ARG A 15 -3.51 -10.73 0.06
C ARG A 15 -2.67 -9.46 0.00
N PHE A 16 -2.48 -8.97 -1.22
CA PHE A 16 -1.51 -7.92 -1.49
C PHE A 16 -2.15 -6.86 -2.38
N PHE A 17 -2.07 -5.60 -1.96
CA PHE A 17 -2.67 -4.49 -2.69
C PHE A 17 -1.63 -3.40 -2.91
N ILE A 18 -1.67 -2.80 -4.09
CA ILE A 18 -0.83 -1.64 -4.39
C ILE A 18 -1.56 -0.40 -3.91
N ILE A 19 -0.86 0.44 -3.17
CA ILE A 19 -1.37 1.71 -2.67
C ILE A 19 -0.63 2.82 -3.39
N LYS A 20 -1.37 3.77 -3.96
CA LYS A 20 -0.79 4.93 -4.61
C LYS A 20 -1.08 6.17 -3.78
N SER A 21 -0.13 7.10 -3.75
CA SER A 21 -0.30 8.37 -3.06
C SER A 21 0.06 9.49 -4.01
N ASN A 22 -0.79 10.51 -4.10
CA ASN A 22 -0.44 11.63 -4.98
C ASN A 22 0.48 12.64 -4.32
N ARG A 23 0.83 12.46 -3.04
CA ARG A 23 1.67 13.42 -2.34
C ARG A 23 2.63 12.64 -1.44
N MET A 24 3.94 12.93 -1.56
CA MET A 24 4.91 12.27 -0.70
C MET A 24 4.67 12.54 0.77
N SER A 25 4.16 13.73 1.10
CA SER A 25 3.92 14.07 2.51
C SER A 25 3.00 13.05 3.19
N ASN A 26 2.05 12.49 2.45
CA ASN A 26 1.16 11.53 3.08
C ASN A 26 1.89 10.22 3.38
N ILE A 27 2.85 9.85 2.55
CA ILE A 27 3.72 8.72 2.88
C ILE A 27 4.51 9.00 4.16
N TYR A 28 5.08 10.21 4.26
CA TYR A 28 5.83 10.57 5.46
C TYR A 28 4.95 10.52 6.70
N THR A 29 3.72 11.05 6.61
CA THR A 29 2.79 11.01 7.73
C THR A 29 2.42 9.57 8.06
N SER A 30 2.22 8.74 7.05
CA SER A 30 1.88 7.34 7.28
C SER A 30 2.98 6.64 8.06
N ILE A 31 4.23 6.90 7.70
CA ILE A 31 5.36 6.26 8.37
C ILE A 31 5.51 6.76 9.79
N GLN A 32 5.36 8.08 9.99
CA GLN A 32 5.56 8.62 11.32
C GLN A 32 4.46 8.19 12.29
N HIS A 33 3.24 7.95 11.81
CA HIS A 33 2.11 7.71 12.69
C HIS A 33 1.45 6.36 12.51
N GLY A 34 1.90 5.55 11.56
CA GLY A 34 1.33 4.22 11.38
C GLY A 34 -0.12 4.23 10.98
N VAL A 35 -0.44 5.00 9.93
CA VAL A 35 -1.83 5.26 9.57
C VAL A 35 -1.92 5.41 8.05
N TRP A 36 -3.07 5.02 7.51
CA TRP A 36 -3.38 5.26 6.11
C TRP A 36 -4.88 5.48 5.96
N ALA A 37 -5.27 6.00 4.80
CA ALA A 37 -6.68 6.06 4.40
C ALA A 37 -6.70 6.04 2.88
N THR A 38 -7.79 5.53 2.32
CA THR A 38 -7.92 5.41 0.88
C THR A 38 -9.28 5.93 0.45
N SER A 39 -9.55 5.89 -0.85
CA SER A 39 -10.85 6.28 -1.37
C SER A 39 -11.95 5.44 -0.70
N LYS A 40 -13.17 6.00 -0.71
CA LYS A 40 -14.27 5.30 -0.06
C LYS A 40 -14.50 3.91 -0.67
N GLY A 41 -14.37 3.79 -1.98
CA GLY A 41 -14.54 2.48 -2.61
C GLY A 41 -13.43 1.52 -2.23
N ASN A 42 -12.18 1.97 -2.26
CA ASN A 42 -11.09 1.09 -1.85
C ASN A 42 -11.14 0.78 -0.36
N SER A 43 -11.71 1.69 0.44
CA SER A 43 -11.85 1.44 1.87
CA SER A 43 -11.83 1.43 1.87
C SER A 43 -12.76 0.24 2.12
N ARG A 44 -13.84 0.14 1.36
CA ARG A 44 -14.70 -1.04 1.46
C ARG A 44 -13.96 -2.29 1.01
N LYS A 45 -13.19 -2.20 -0.07
CA LYS A 45 -12.45 -3.36 -0.56
C LYS A 45 -11.43 -3.82 0.46
N LEU A 46 -10.65 -2.88 1.01
CA LEU A 46 -9.63 -3.25 2.00
C LEU A 46 -10.27 -3.75 3.29
N SER A 47 -11.39 -3.17 3.69
CA SER A 47 -12.08 -3.64 4.90
C SER A 47 -12.56 -5.08 4.73
N ASN A 48 -13.15 -5.40 3.58
CA ASN A 48 -13.59 -6.77 3.33
C ASN A 48 -12.42 -7.73 3.35
N ALA A 49 -11.28 -7.31 2.78
CA ALA A 49 -10.10 -8.17 2.81
C ALA A 49 -9.59 -8.34 4.23
N PHE A 50 -9.57 -7.27 5.02
CA PHE A 50 -9.01 -7.33 6.37
C PHE A 50 -9.73 -8.36 7.24
N THR A 51 -11.06 -8.39 7.17
CA THR A 51 -11.85 -9.30 8.01
C THR A 51 -11.87 -10.72 7.48
N SER A 52 -11.41 -10.96 6.25
CA SER A 52 -11.46 -12.28 5.64
C SER A 52 -10.08 -12.86 5.34
N THR A 53 -9.00 -12.19 5.74
CA THR A 53 -7.65 -12.60 5.37
C THR A 53 -6.76 -12.49 6.60
N ASP A 54 -5.84 -13.46 6.75
CA ASP A 54 -4.93 -13.41 7.90
C ASP A 54 -4.05 -12.16 7.83
N HIS A 55 -3.58 -11.79 6.64
CA HIS A 55 -2.65 -10.67 6.48
C HIS A 55 -3.00 -9.93 5.20
N VAL A 56 -3.28 -8.63 5.33
CA VAL A 56 -3.47 -7.75 4.17
C VAL A 56 -2.21 -6.89 4.07
N LEU A 57 -1.45 -7.07 2.99
CA LEU A 57 -0.22 -6.33 2.77
C LEU A 57 -0.46 -5.20 1.79
N LEU A 58 0.12 -4.04 2.10
CA LEU A 58 -0.05 -2.83 1.32
C LEU A 58 1.32 -2.45 0.77
N LEU A 59 1.40 -2.28 -0.55
CA LEU A 59 2.67 -2.04 -1.23
C LEU A 59 2.61 -0.61 -1.74
N PHE A 60 3.41 0.27 -1.14
CA PHE A 60 3.24 1.71 -1.31
C PHE A 60 4.07 2.24 -2.47
N SER A 61 3.43 3.00 -3.35
CA SER A 61 4.09 3.61 -4.51
C SER A 61 3.53 5.00 -4.73
N ALA A 62 4.33 6.03 -4.47
CA ALA A 62 3.90 7.40 -4.73
C ALA A 62 3.77 7.64 -6.23
N ASN A 63 2.76 8.42 -6.61
CA ASN A 63 2.55 8.75 -8.02
C ASN A 63 3.81 9.37 -8.59
N GLU A 64 4.20 8.93 -9.79
CA GLU A 64 5.36 9.45 -10.52
C GLU A 64 6.69 9.22 -9.82
N SER A 65 6.74 8.34 -8.81
CA SER A 65 7.99 8.00 -8.16
C SER A 65 8.78 6.94 -8.91
N GLY A 66 8.13 6.20 -9.80
CA GLY A 66 8.80 5.15 -10.55
C GLY A 66 8.98 3.83 -9.84
N GLY A 67 8.38 3.64 -8.67
CA GLY A 67 8.51 2.36 -8.00
C GLY A 67 7.85 2.36 -6.64
N PHE A 68 8.31 1.44 -5.79
CA PHE A 68 7.79 1.26 -4.45
C PHE A 68 8.70 1.90 -3.41
N GLN A 69 8.09 2.46 -2.37
CA GLN A 69 8.81 2.99 -1.23
C GLN A 69 8.81 2.03 -0.04
N GLY A 70 8.10 0.92 -0.13
CA GLY A 70 8.09 -0.05 0.95
C GLY A 70 6.76 -0.77 0.97
N PHE A 71 6.56 -1.52 2.05
CA PHE A 71 5.30 -2.22 2.23
C PHE A 71 4.96 -2.32 3.72
N GLY A 72 3.69 -2.58 3.99
CA GLY A 72 3.24 -2.66 5.36
C GLY A 72 2.05 -3.60 5.47
N ARG A 73 1.63 -3.82 6.71
CA ARG A 73 0.48 -4.66 7.00
C ARG A 73 -0.66 -3.79 7.51
N MET A 74 -1.86 -4.00 6.97
CA MET A 74 -3.04 -3.34 7.51
C MET A 74 -3.35 -3.93 8.89
N MET A 75 -3.45 -3.07 9.90
CA MET A 75 -3.56 -3.54 11.29
C MET A 75 -4.95 -3.39 11.89
N SER A 76 -5.80 -2.55 11.33
CA SER A 76 -7.12 -2.29 11.88
C SER A 76 -8.03 -1.84 10.74
N LEU A 77 -9.32 -1.75 11.06
CA LEU A 77 -10.31 -1.27 10.12
C LEU A 77 -10.40 0.25 10.16
N PRO A 78 -10.91 0.87 9.10
CA PRO A 78 -11.16 2.30 9.14
C PRO A 78 -11.98 2.68 10.36
N ASP A 79 -11.58 3.78 11.02
CA ASP A 79 -12.15 4.21 12.28
C ASP A 79 -12.21 5.74 12.28
N PRO A 80 -13.41 6.33 12.30
CA PRO A 80 -13.49 7.81 12.27
C PRO A 80 -12.80 8.50 13.43
N GLN A 81 -12.53 7.80 14.54
CA GLN A 81 -11.86 8.39 15.68
C GLN A 81 -10.34 8.32 15.61
N LEU A 82 -9.78 7.63 14.61
CA LEU A 82 -8.33 7.48 14.50
C LEU A 82 -7.74 8.67 13.75
N PHE A 83 -6.86 9.42 14.43
CA PHE A 83 -6.16 10.57 13.85
C PHE A 83 -7.08 11.41 12.96
N PRO A 84 -8.24 11.85 13.44
CA PRO A 84 -9.19 12.54 12.55
C PRO A 84 -8.56 13.75 11.88
N GLY A 85 -8.63 13.78 10.55
CA GLY A 85 -8.20 14.93 9.77
C GLY A 85 -6.71 15.08 9.58
N ILE A 86 -5.94 14.04 9.88
CA ILE A 86 -4.47 14.15 9.87
C ILE A 86 -3.94 14.52 8.48
N TRP A 87 -4.65 14.15 7.41
CA TRP A 87 -4.19 14.44 6.06
C TRP A 87 -4.52 15.84 5.59
N GLY A 88 -5.28 16.60 6.37
CA GLY A 88 -5.79 17.86 5.90
C GLY A 88 -7.13 17.69 5.22
N PRO A 89 -7.55 18.69 4.44
CA PRO A 89 -8.88 18.64 3.83
C PRO A 89 -9.16 17.44 2.95
N VAL A 90 -8.13 16.78 2.39
CA VAL A 90 -8.37 15.57 1.61
C VAL A 90 -9.08 14.49 2.42
N GLN A 91 -8.98 14.56 3.75
CA GLN A 91 -9.72 13.62 4.60
C GLN A 91 -11.18 13.53 4.19
N LEU A 92 -11.76 14.65 3.74
CA LEU A 92 -13.16 14.67 3.33
C LEU A 92 -13.45 13.78 2.12
N ARG A 93 -12.45 13.50 1.29
CA ARG A 93 -12.61 12.67 0.10
C ARG A 93 -12.22 11.23 0.33
N LEU A 94 -11.79 10.88 1.53
CA LEU A 94 -11.26 9.55 1.82
C LEU A 94 -12.20 8.84 2.78
N GLY A 95 -12.04 7.54 2.90
CA GLY A 95 -12.63 6.81 3.99
C GLY A 95 -11.92 7.16 5.29
N SER A 96 -12.36 6.52 6.37
CA SER A 96 -11.76 6.80 7.67
C SER A 96 -10.36 6.18 7.75
N ASN A 97 -9.57 6.70 8.68
CA ASN A 97 -8.18 6.25 8.81
C ASN A 97 -8.10 4.88 9.45
N PHE A 98 -7.08 4.11 9.06
CA PHE A 98 -6.82 2.83 9.68
C PHE A 98 -5.34 2.69 9.97
N ARG A 99 -5.02 1.81 10.91
CA ARG A 99 -3.62 1.60 11.30
C ARG A 99 -2.90 0.73 10.28
N VAL A 100 -1.65 1.08 10.01
CA VAL A 100 -0.75 0.29 9.17
C VAL A 100 0.59 0.22 9.87
N MET A 101 1.23 -0.96 9.81
CA MET A 101 2.58 -1.13 10.32
C MET A 101 3.48 -1.30 9.10
N TRP A 102 4.33 -0.31 8.83
CA TRP A 102 5.30 -0.46 7.75
C TRP A 102 6.34 -1.49 8.16
N LEU A 103 6.55 -2.46 7.28
CA LEU A 103 7.52 -3.53 7.51
C LEU A 103 8.85 -3.26 6.82
N LYS A 104 8.86 -2.39 5.82
CA LYS A 104 10.09 -2.01 5.15
C LYS A 104 9.91 -0.65 4.49
N GLN A 105 10.94 0.19 4.61
CA GLN A 105 11.12 1.38 3.78
C GLN A 105 12.29 1.08 2.85
N CYS A 106 12.11 1.31 1.55
CA CYS A 106 13.16 0.95 0.61
C CYS A 106 12.99 1.77 -0.65
N LYS A 107 13.86 1.48 -1.62
CA LYS A 107 13.75 2.03 -2.96
C LYS A 107 13.88 0.88 -3.94
N ILE A 108 12.80 0.61 -4.68
CA ILE A 108 12.87 -0.36 -5.77
C ILE A 108 12.07 0.19 -6.94
N GLU A 109 12.73 0.34 -8.10
CA GLU A 109 12.09 0.90 -9.29
C GLU A 109 11.29 -0.18 -10.00
N PHE A 110 10.15 0.21 -10.59
CA PHE A 110 9.41 -0.71 -11.44
C PHE A 110 10.32 -1.30 -12.51
N GLU A 111 11.23 -0.49 -13.05
CA GLU A 111 12.11 -0.93 -14.13
C GLU A 111 13.04 -2.06 -13.69
N GLU A 112 13.37 -2.13 -12.38
CA GLU A 112 14.23 -3.21 -11.90
C GLU A 112 13.58 -4.58 -12.04
N LEU A 113 12.25 -4.62 -12.06
CA LEU A 113 11.51 -5.87 -12.16
C LEU A 113 11.33 -6.34 -13.59
N GLY A 114 11.77 -5.53 -14.57
CA GLY A 114 11.55 -5.88 -15.96
C GLY A 114 10.07 -5.78 -16.32
N LYS A 115 9.74 -6.40 -17.45
CA LYS A 115 8.35 -6.44 -17.90
C LYS A 115 7.58 -7.41 -17.01
N VAL A 116 6.67 -6.88 -16.22
CA VAL A 116 5.79 -7.67 -15.38
C VAL A 116 4.39 -7.14 -15.59
N THR A 117 3.46 -8.04 -15.91
CA THR A 117 2.06 -7.64 -16.02
C THR A 117 1.24 -8.37 -14.97
N ASN A 118 0.05 -7.83 -14.71
CA ASN A 118 -0.77 -8.32 -13.61
C ASN A 118 -2.02 -9.00 -14.16
N PRO A 119 -2.13 -10.33 -14.04
CA PRO A 119 -3.31 -11.02 -14.58
C PRO A 119 -4.59 -10.72 -13.83
N TRP A 120 -4.51 -10.16 -12.64
CA TRP A 120 -5.68 -9.73 -11.89
C TRP A 120 -6.06 -8.29 -12.16
N ASN A 121 -5.36 -7.63 -13.08
CA ASN A 121 -5.65 -6.25 -13.46
C ASN A 121 -5.56 -6.10 -14.97
N ASP A 122 -6.30 -6.94 -15.70
CA ASP A 122 -6.48 -6.80 -17.15
C ASP A 122 -5.15 -6.84 -17.92
N ASP A 123 -4.17 -7.59 -17.44
CA ASP A 123 -2.85 -7.70 -18.07
C ASP A 123 -2.12 -6.36 -18.15
N LEU A 124 -2.45 -5.41 -17.27
CA LEU A 124 -1.74 -4.15 -17.23
C LEU A 124 -0.36 -4.34 -16.61
N PRO A 125 0.63 -3.55 -17.05
CA PRO A 125 1.93 -3.57 -16.37
C PRO A 125 1.77 -3.24 -14.90
N LEU A 126 2.63 -3.85 -14.08
CA LEU A 126 2.67 -3.51 -12.67
C LEU A 126 2.81 -2.00 -12.48
N ARG A 127 3.64 -1.35 -13.30
CA ARG A 127 3.84 0.08 -13.13
C ARG A 127 2.58 0.90 -13.44
N LYS A 128 1.59 0.33 -14.11
CA LYS A 128 0.34 1.03 -14.44
C LYS A 128 -0.77 0.75 -13.43
N SER A 129 -0.42 0.27 -12.24
CA SER A 129 -1.41 -0.07 -11.23
C SER A 129 -1.99 1.19 -10.60
N ARG A 130 -3.31 1.24 -10.52
CA ARG A 130 -4.00 2.30 -9.81
C ARG A 130 -4.07 1.95 -8.32
N ASP A 131 -4.43 2.94 -7.52
CA ASP A 131 -4.59 2.74 -6.08
C ASP A 131 -5.58 1.61 -5.82
N GLY A 132 -5.20 0.68 -4.93
CA GLY A 132 -6.06 -0.43 -4.56
C GLY A 132 -5.98 -1.65 -5.46
N THR A 133 -5.10 -1.65 -6.46
CA THR A 133 -4.97 -2.80 -7.36
C THR A 133 -4.46 -4.02 -6.59
N GLU A 134 -5.17 -5.13 -6.69
CA GLU A 134 -4.69 -6.37 -6.07
C GLU A 134 -3.70 -7.07 -7.00
N VAL A 135 -2.69 -7.69 -6.42
CA VAL A 135 -1.78 -8.53 -7.22
C VAL A 135 -1.92 -9.98 -6.74
N PRO A 136 -1.71 -10.96 -7.60
CA PRO A 136 -1.80 -12.36 -7.16
C PRO A 136 -0.76 -12.63 -6.10
N PRO A 137 -1.00 -13.61 -5.23
CA PRO A 137 -0.09 -13.84 -4.11
C PRO A 137 1.32 -14.25 -4.51
N ALA A 138 1.51 -14.98 -5.61
CA ALA A 138 2.87 -15.33 -6.00
C ALA A 138 3.68 -14.08 -6.32
N LEU A 139 3.08 -13.14 -7.04
CA LEU A 139 3.77 -11.89 -7.36
C LEU A 139 3.89 -11.00 -6.13
N GLY A 140 2.80 -10.84 -5.36
CA GLY A 140 2.86 -9.98 -4.19
C GLY A 140 3.88 -10.45 -3.18
N SER A 141 3.93 -11.76 -2.93
N SER A 141 3.95 -11.76 -2.95
CA SER A 141 4.89 -12.30 -1.97
CA SER A 141 4.89 -12.29 -1.96
C SER A 141 6.31 -11.99 -2.40
C SER A 141 6.33 -12.04 -2.39
N LEU A 142 6.61 -12.16 -3.69
CA LEU A 142 7.97 -11.91 -4.17
C LEU A 142 8.33 -10.44 -4.08
N LEU A 143 7.39 -9.55 -4.40
CA LEU A 143 7.65 -8.13 -4.27
C LEU A 143 8.03 -7.77 -2.84
N CYS A 144 7.31 -8.34 -1.87
CA CYS A 144 7.64 -8.08 -0.47
C CYS A 144 8.98 -8.70 -0.09
N THR A 145 9.28 -9.91 -0.58
CA THR A 145 10.57 -10.53 -0.30
C THR A 145 11.71 -9.68 -0.84
N TRP A 146 11.59 -9.25 -2.11
CA TRP A 146 12.64 -8.42 -2.70
C TRP A 146 12.80 -7.11 -1.96
N MET A 147 11.69 -6.47 -1.57
CA MET A 147 11.81 -5.24 -0.79
C MET A 147 12.52 -5.46 0.53
N SER A 148 12.21 -6.57 1.22
CA SER A 148 12.81 -6.85 2.52
CA SER A 148 12.81 -6.87 2.51
C SER A 148 14.29 -7.15 2.43
N GLN A 149 14.78 -7.57 1.26
CA GLN A 149 16.18 -7.93 1.08
C GLN A 149 17.07 -6.77 0.69
N ARG A 150 16.50 -5.59 0.47
CA ARG A 150 17.19 -4.35 0.16
C ARG A 150 17.60 -3.66 1.45
N PRO A 151 18.60 -2.77 1.39
CA PRO A 151 18.84 -1.88 2.53
C PRO A 151 17.62 -1.01 2.76
N SER A 152 17.34 -0.75 4.03
CA SER A 152 16.29 0.22 4.36
C SER A 152 16.72 1.62 3.90
N GLU A 153 15.76 2.36 3.35
CA GLU A 153 15.96 3.74 2.93
C GLU A 153 15.30 4.66 3.95
N ASP A 154 16.01 5.74 4.31
CA ASP A 154 15.43 6.77 5.20
C ASP A 154 14.57 7.68 4.33
N LEU A 155 13.30 7.29 4.14
CA LEU A 155 12.41 8.08 3.30
C LEU A 155 12.20 9.49 3.85
N LEU A 156 12.22 9.65 5.19
CA LEU A 156 12.01 10.96 5.79
C LEU A 156 13.17 11.92 5.56
N ALA A 157 14.33 11.44 5.11
CA ALA A 157 15.39 12.35 4.72
C ALA A 157 14.84 13.33 3.69
N GLY A 158 14.80 14.61 4.06
CA GLY A 158 14.10 15.61 3.28
C GLY A 158 12.63 15.72 3.67
#